data_9L2R
#
_entry.id   9L2R
#
_cell.length_a   66.619
_cell.length_b   115.297
_cell.length_c   54.935
_cell.angle_alpha   90.000
_cell.angle_beta   90.000
_cell.angle_gamma   90.000
#
_symmetry.space_group_name_H-M   'C 2 2 21'
#
loop_
_entity.id
_entity.type
_entity.pdbx_description
1 polymer 'Viral responsive protein'
2 non-polymer 'SULFATE ION'
3 water water
#
_entity_poly.entity_id   1
_entity_poly.type   'polypeptide(L)'
_entity_poly.pdbx_seq_one_letter_code
;GPVVSIIRDDLTPQERERL(MSE)(MSE)RVRAALVDLGVAVGASVAFRQLTEP(MSE)KSEIAATVKKYLEYDH
;
_entity_poly.pdbx_strand_id   A,B,C
#
loop_
_chem_comp.id
_chem_comp.type
_chem_comp.name
_chem_comp.formula
SO4 non-polymer 'SULFATE ION' 'O4 S -2'
#
# COMPACT_ATOMS: atom_id res chain seq x y z
N GLY A 1 17.66 34.85 -25.09
CA GLY A 1 17.69 35.00 -23.65
C GLY A 1 17.33 33.73 -22.90
N PRO A 2 18.31 32.85 -22.73
CA PRO A 2 18.04 31.59 -22.01
C PRO A 2 17.66 31.77 -20.56
N VAL A 3 18.10 32.85 -19.91
CA VAL A 3 17.76 33.06 -18.51
C VAL A 3 16.26 33.32 -18.35
N VAL A 4 15.67 34.06 -19.28
CA VAL A 4 14.22 34.28 -19.23
C VAL A 4 13.49 32.96 -19.40
N SER A 5 13.96 32.11 -20.32
CA SER A 5 13.31 30.84 -20.58
C SER A 5 13.32 29.94 -19.34
N ILE A 6 14.34 30.06 -18.50
CA ILE A 6 14.41 29.24 -17.30
C ILE A 6 13.23 29.52 -16.39
N ILE A 7 12.78 30.77 -16.32
CA ILE A 7 11.64 31.08 -15.47
C ILE A 7 10.32 30.89 -16.21
N ARG A 8 10.29 31.16 -17.51
CA ARG A 8 9.03 31.17 -18.24
C ARG A 8 8.61 29.81 -18.76
N ASP A 9 9.56 28.99 -19.20
CA ASP A 9 9.22 27.77 -19.94
C ASP A 9 8.38 26.83 -19.08
N ASP A 10 7.50 26.08 -19.74
CA ASP A 10 6.69 25.09 -19.05
C ASP A 10 7.57 23.97 -18.52
N LEU A 11 6.95 23.07 -17.75
CA LEU A 11 7.68 22.00 -17.08
C LEU A 11 8.47 21.16 -18.09
N THR A 12 9.72 20.87 -17.75
CA THR A 12 10.59 20.07 -18.60
C THR A 12 10.22 18.60 -18.48
N PRO A 13 10.71 17.75 -19.40
CA PRO A 13 10.48 16.30 -19.24
C PRO A 13 10.99 15.76 -17.92
N GLN A 14 12.15 16.24 -17.46
CA GLN A 14 12.68 15.79 -16.18
C GLN A 14 11.76 16.19 -15.02
N GLU A 15 11.26 17.43 -15.04
CA GLU A 15 10.39 17.89 -13.98
C GLU A 15 9.05 17.16 -14.00
N ARG A 16 8.50 16.92 -15.19
CA ARG A 16 7.24 16.18 -15.29
C ARG A 16 7.40 14.75 -14.79
N GLU A 17 8.51 14.11 -15.13
CA GLU A 17 8.79 12.76 -14.64
C GLU A 17 8.85 12.74 -13.12
N ARG A 18 9.54 13.72 -12.53
CA ARG A 18 9.65 13.78 -11.08
C ARG A 18 8.27 13.89 -10.42
N LEU A 19 7.37 14.70 -10.98
CA LEU A 19 6.04 14.82 -10.41
C LEU A 19 5.26 13.51 -10.50
N MSE A 20 5.31 12.84 -11.63
CA MSE A 20 4.64 11.54 -11.74
C MSE A 20 5.24 10.39 -10.95
O MSE A 20 4.51 9.52 -10.49
CB MSE A 20 4.50 11.13 -13.21
CG MSE A 20 3.28 10.23 -13.39
SE MSE A 20 1.57 11.12 -13.28
CE MSE A 20 1.48 11.83 -15.10
N MSE A 21 6.55 10.39 -10.78
CA MSE A 21 7.14 9.38 -9.90
C MSE A 21 6.65 9.52 -8.47
O MSE A 21 6.50 8.53 -7.77
CB MSE A 21 8.67 9.43 -9.94
CG MSE A 21 9.24 9.08 -11.29
SE MSE A 21 9.23 7.12 -11.43
CE MSE A 21 10.72 6.73 -10.23
N ARG A 22 6.37 10.76 -8.04
CA ARG A 22 5.81 10.95 -6.71
C ARG A 22 4.40 10.38 -6.62
N VAL A 23 3.61 10.54 -7.68
CA VAL A 23 2.29 9.93 -7.70
C VAL A 23 2.41 8.41 -7.68
N ARG A 24 3.30 7.86 -8.51
CA ARG A 24 3.50 6.42 -8.54
C ARG A 24 3.95 5.89 -7.18
N ALA A 25 4.90 6.58 -6.54
CA ALA A 25 5.40 6.14 -5.25
C ALA A 25 4.30 6.12 -4.20
N ALA A 26 3.43 7.13 -4.21
CA ALA A 26 2.30 7.15 -3.27
C ALA A 26 1.29 6.07 -3.61
N LEU A 27 1.09 5.78 -4.89
CA LEU A 27 0.18 4.71 -5.28
C LEU A 27 0.68 3.35 -4.81
N VAL A 28 1.99 3.12 -4.90
CA VAL A 28 2.56 1.87 -4.40
C VAL A 28 2.39 1.78 -2.89
N ASP A 29 2.71 2.86 -2.17
CA ASP A 29 2.53 2.85 -0.72
C ASP A 29 1.07 2.56 -0.34
N LEU A 30 0.12 3.08 -1.12
CA LEU A 30 -1.28 2.84 -0.78
C LEU A 30 -1.65 1.38 -1.03
N GLY A 31 -1.14 0.79 -2.12
CA GLY A 31 -1.37 -0.62 -2.36
C GLY A 31 -0.77 -1.50 -1.28
N VAL A 32 0.39 -1.09 -0.75
CA VAL A 32 1.00 -1.82 0.35
C VAL A 32 0.12 -1.78 1.60
N ALA A 33 -0.35 -0.57 1.95
CA ALA A 33 -1.17 -0.43 3.16
C ALA A 33 -2.53 -1.09 3.00
N VAL A 34 -3.18 -0.89 1.85
CA VAL A 34 -4.47 -1.53 1.62
C VAL A 34 -4.31 -3.04 1.50
N GLY A 35 -3.23 -3.49 0.86
CA GLY A 35 -2.98 -4.92 0.77
C GLY A 35 -2.92 -5.60 2.12
N ALA A 36 -2.27 -4.94 3.09
CA ALA A 36 -2.22 -5.49 4.44
C ALA A 36 -3.60 -5.45 5.10
N SER A 37 -4.33 -4.35 4.92
CA SER A 37 -5.64 -4.22 5.53
C SER A 37 -6.61 -5.26 4.96
N VAL A 38 -6.61 -5.44 3.65
CA VAL A 38 -7.46 -6.44 3.02
C VAL A 38 -7.08 -7.84 3.47
N ALA A 39 -5.78 -8.08 3.72
CA ALA A 39 -5.34 -9.40 4.18
C ALA A 39 -5.92 -9.74 5.55
N PHE A 40 -5.95 -8.76 6.46
CA PHE A 40 -6.55 -8.96 7.78
C PHE A 40 -8.05 -8.70 7.78
N ARG A 41 -8.67 -8.56 6.60
CA ARG A 41 -10.12 -8.41 6.48
C ARG A 41 -10.63 -7.20 7.26
N GLN A 42 -9.95 -6.06 7.09
CA GLN A 42 -10.25 -4.87 7.85
C GLN A 42 -11.13 -3.87 7.11
N LEU A 43 -11.35 -4.05 5.81
CA LEU A 43 -12.11 -3.09 5.01
C LEU A 43 -13.46 -3.70 4.65
N THR A 44 -14.54 -3.08 5.11
CA THR A 44 -15.87 -3.41 4.62
C THR A 44 -16.12 -2.70 3.29
N GLU A 45 -17.21 -3.08 2.63
CA GLU A 45 -17.54 -2.45 1.36
C GLU A 45 -17.80 -0.95 1.48
N PRO A 46 -18.51 -0.45 2.50
CA PRO A 46 -18.62 1.02 2.65
C PRO A 46 -17.27 1.70 2.86
N MSE A 47 -16.38 1.10 3.65
N MSE A 47 -16.38 1.10 3.65
CA MSE A 47 -15.06 1.67 3.88
CA MSE A 47 -15.06 1.65 3.87
C MSE A 47 -14.26 1.74 2.57
C MSE A 47 -14.27 1.74 2.57
O MSE A 47 -13.58 2.73 2.29
O MSE A 47 -13.61 2.74 2.29
CB MSE A 47 -14.30 0.86 4.93
CB MSE A 47 -14.29 0.79 4.89
CG MSE A 47 -14.96 0.84 6.29
CG MSE A 47 -12.93 1.36 5.26
SE MSE A 47 -14.00 -0.24 7.60
SE MSE A 47 -13.06 3.19 5.90
CE MSE A 47 -15.39 -0.42 8.94
CE MSE A 47 -14.48 2.96 7.21
N LYS A 48 -14.33 0.66 1.78
CA LYS A 48 -13.70 0.67 0.46
C LYS A 48 -14.24 1.80 -0.40
N SER A 49 -15.56 1.99 -0.40
CA SER A 49 -16.15 3.04 -1.22
C SER A 49 -15.69 4.41 -0.77
N GLU A 50 -15.53 4.62 0.54
CA GLU A 50 -15.09 5.93 1.03
C GLU A 50 -13.67 6.23 0.61
N ILE A 51 -12.78 5.23 0.67
CA ILE A 51 -11.40 5.43 0.21
C ILE A 51 -11.38 5.75 -1.27
N ALA A 52 -12.15 5.00 -2.06
CA ALA A 52 -12.20 5.26 -3.50
C ALA A 52 -12.74 6.64 -3.79
N ALA A 53 -13.79 7.07 -3.07
CA ALA A 53 -14.36 8.39 -3.29
C ALA A 53 -13.38 9.48 -2.89
N THR A 54 -12.60 9.26 -1.83
CA THR A 54 -11.57 10.22 -1.44
C THR A 54 -10.55 10.40 -2.55
N VAL A 55 -10.11 9.31 -3.16
CA VAL A 55 -9.11 9.40 -4.23
C VAL A 55 -9.69 10.11 -5.44
N LYS A 56 -10.92 9.76 -5.83
CA LYS A 56 -11.54 10.44 -6.96
C LYS A 56 -11.67 11.94 -6.70
N LYS A 57 -11.93 12.33 -5.45
CA LYS A 57 -11.98 13.75 -5.12
C LYS A 57 -10.61 14.41 -5.27
N TYR A 58 -9.55 13.73 -4.83
CA TYR A 58 -8.19 14.23 -5.08
C TYR A 58 -7.96 14.46 -6.55
N LEU A 59 -8.35 13.48 -7.37
CA LEU A 59 -8.10 13.50 -8.80
C LEU A 59 -8.93 14.54 -9.52
N GLU A 60 -9.94 15.10 -8.88
CA GLU A 60 -10.95 15.91 -9.56
C GLU A 60 -11.53 15.11 -10.73
N TYR A 61 -11.86 13.85 -10.42
CA TYR A 61 -12.39 12.88 -11.38
C TYR A 61 -13.88 12.75 -11.08
N ASP A 62 -14.72 13.39 -11.88
CA ASP A 62 -16.15 13.48 -11.61
C ASP A 62 -16.89 12.23 -12.13
N HIS A 63 -16.55 11.09 -11.55
CA HIS A 63 -17.26 9.84 -11.83
C HIS A 63 -17.35 8.98 -10.58
N GLY B 1 5.62 8.16 -24.61
CA GLY B 1 5.09 8.86 -23.45
C GLY B 1 5.55 8.26 -22.14
N PRO B 2 6.71 8.70 -21.65
CA PRO B 2 7.22 8.16 -20.38
C PRO B 2 6.37 8.52 -19.18
N VAL B 3 5.68 9.66 -19.19
CA VAL B 3 4.87 10.04 -18.04
C VAL B 3 3.71 9.07 -17.85
N VAL B 4 3.08 8.64 -18.95
CA VAL B 4 2.02 7.64 -18.85
C VAL B 4 2.59 6.34 -18.31
N SER B 5 3.77 5.94 -18.80
CA SER B 5 4.38 4.69 -18.37
C SER B 5 4.65 4.68 -16.87
N ILE B 6 4.92 5.85 -16.28
CA ILE B 6 5.21 5.91 -14.84
C ILE B 6 4.00 5.45 -14.04
N ILE B 7 2.79 5.75 -14.51
CA ILE B 7 1.60 5.31 -13.80
C ILE B 7 1.18 3.90 -14.22
N ARG B 8 1.35 3.57 -15.50
CA ARG B 8 0.80 2.32 -16.02
C ARG B 8 1.71 1.11 -15.84
N ASP B 9 3.03 1.31 -15.94
CA ASP B 9 3.94 0.16 -16.01
C ASP B 9 3.87 -0.69 -14.74
N ASP B 10 4.12 -1.98 -14.91
CA ASP B 10 4.16 -2.89 -13.78
C ASP B 10 5.33 -2.54 -12.86
N LEU B 11 5.34 -3.19 -11.70
CA LEU B 11 6.37 -2.96 -10.69
C LEU B 11 7.77 -3.11 -11.28
N THR B 12 8.64 -2.16 -10.97
CA THR B 12 10.02 -2.20 -11.44
C THR B 12 10.82 -3.19 -10.61
N PRO B 13 11.99 -3.62 -11.09
CA PRO B 13 12.85 -4.48 -10.26
C PRO B 13 13.18 -3.87 -8.91
N GLN B 14 13.43 -2.57 -8.85
CA GLN B 14 13.70 -1.92 -7.57
C GLN B 14 12.49 -2.00 -6.64
N GLU B 15 11.29 -1.77 -7.18
CA GLU B 15 10.08 -1.84 -6.35
C GLU B 15 9.80 -3.27 -5.89
N ARG B 16 9.99 -4.25 -6.78
CA ARG B 16 9.78 -5.65 -6.42
C ARG B 16 10.76 -6.08 -5.33
N GLU B 17 11.99 -5.60 -5.41
CA GLU B 17 12.99 -5.93 -4.40
C GLU B 17 12.64 -5.34 -3.05
N ARG B 18 12.15 -4.10 -3.03
CA ARG B 18 11.74 -3.48 -1.78
C ARG B 18 10.63 -4.25 -1.10
N LEU B 19 9.64 -4.72 -1.87
CA LEU B 19 8.56 -5.50 -1.26
C LEU B 19 9.07 -6.82 -0.70
N MSE B 20 9.98 -7.48 -1.40
CA MSE B 20 10.38 -8.80 -0.94
C MSE B 20 11.39 -8.66 0.20
O MSE B 20 11.49 -9.52 1.06
CB MSE B 20 10.93 -9.62 -2.10
CG MSE B 20 11.24 -11.05 -1.71
SE MSE B 20 9.52 -11.99 -1.68
CE MSE B 20 9.25 -12.32 -3.59
N MSE B 21 12.12 -7.54 0.20
CA MSE B 21 13.01 -7.22 1.31
C MSE B 21 12.21 -7.06 2.61
O MSE B 21 12.68 -7.43 3.68
CB MSE B 21 13.80 -5.94 1.03
CG MSE B 21 15.15 -6.15 0.33
SE MSE B 21 16.50 -7.37 1.09
CE MSE B 21 15.90 -7.59 2.94
N ARG B 22 11.01 -6.49 2.49
CA ARG B 22 10.15 -6.37 3.66
C ARG B 22 9.68 -7.74 4.15
N VAL B 23 9.43 -8.66 3.23
CA VAL B 23 9.05 -10.01 3.64
C VAL B 23 10.23 -10.69 4.34
N ARG B 24 11.42 -10.54 3.78
CA ARG B 24 12.61 -11.14 4.38
C ARG B 24 12.85 -10.58 5.78
N ALA B 25 12.75 -9.27 5.94
CA ALA B 25 12.97 -8.64 7.25
C ALA B 25 11.96 -9.15 8.28
N ALA B 26 10.71 -9.33 7.88
CA ALA B 26 9.72 -9.87 8.81
C ALA B 26 10.01 -11.33 9.13
N LEU B 27 10.48 -12.09 8.14
CA LEU B 27 10.83 -13.49 8.38
C LEU B 27 11.97 -13.61 9.38
N VAL B 28 12.99 -12.74 9.27
CA VAL B 28 14.08 -12.74 10.22
C VAL B 28 13.57 -12.38 11.62
N ASP B 29 12.74 -11.34 11.72
CA ASP B 29 12.21 -10.95 13.03
C ASP B 29 11.40 -12.10 13.64
N LEU B 30 10.69 -12.86 12.82
CA LEU B 30 9.92 -13.97 13.36
C LEU B 30 10.83 -15.10 13.83
N GLY B 31 11.90 -15.36 13.09
CA GLY B 31 12.88 -16.35 13.54
C GLY B 31 13.54 -15.96 14.83
N VAL B 32 13.79 -14.66 15.01
CA VAL B 32 14.38 -14.17 16.25
C VAL B 32 13.43 -14.39 17.42
N ALA B 33 12.15 -14.03 17.24
CA ALA B 33 11.18 -14.17 18.34
C ALA B 33 10.88 -15.63 18.63
N VAL B 34 10.67 -16.43 17.59
CA VAL B 34 10.42 -17.86 17.79
C VAL B 34 11.66 -18.55 18.34
N GLY B 35 12.84 -18.13 17.90
CA GLY B 35 14.06 -18.71 18.44
C GLY B 35 14.19 -18.53 19.94
N ALA B 36 13.80 -17.35 20.44
CA ALA B 36 13.84 -17.12 21.88
C ALA B 36 12.77 -17.94 22.59
N SER B 37 11.57 -18.00 22.03
CA SER B 37 10.50 -18.78 22.64
C SER B 37 10.86 -20.25 22.71
N VAL B 38 11.40 -20.80 21.61
CA VAL B 38 11.81 -22.20 21.57
C VAL B 38 12.92 -22.45 22.59
N ALA B 39 13.81 -21.46 22.77
CA ALA B 39 14.90 -21.63 23.73
C ALA B 39 14.38 -21.75 25.16
N PHE B 40 13.34 -21.00 25.49
CA PHE B 40 12.72 -21.10 26.81
C PHE B 40 11.61 -22.15 26.85
N ARG B 41 11.51 -22.99 25.82
CA ARG B 41 10.55 -24.10 25.76
C ARG B 41 9.12 -23.60 25.99
N GLN B 42 8.75 -22.54 25.27
CA GLN B 42 7.45 -21.92 25.45
C GLN B 42 6.41 -22.37 24.42
N LEU B 43 6.81 -23.11 23.40
CA LEU B 43 5.91 -23.48 22.31
C LEU B 43 5.62 -24.98 22.40
N THR B 44 4.36 -25.32 22.63
CA THR B 44 3.91 -26.69 22.48
C THR B 44 3.64 -27.00 21.01
N GLU B 45 3.45 -28.29 20.71
CA GLU B 45 3.19 -28.68 19.33
C GLU B 45 1.90 -28.07 18.77
N PRO B 46 0.78 -28.04 19.50
CA PRO B 46 -0.40 -27.32 18.96
C PRO B 46 -0.15 -25.84 18.73
N MSE B 47 0.61 -25.18 19.60
N MSE B 47 0.62 -25.20 19.59
CA MSE B 47 0.94 -23.77 19.42
CA MSE B 47 0.95 -23.78 19.42
C MSE B 47 1.79 -23.56 18.16
C MSE B 47 1.79 -23.56 18.17
O MSE B 47 1.56 -22.62 17.40
O MSE B 47 1.56 -22.62 17.41
CB MSE B 47 1.66 -23.22 20.64
CB MSE B 47 1.70 -23.25 20.65
CG MSE B 47 0.86 -23.26 21.93
CG MSE B 47 2.01 -21.78 20.59
SE MSE B 47 1.89 -22.66 23.47
SE MSE B 47 0.44 -20.69 20.21
CE MSE B 47 0.75 -23.35 24.89
CE MSE B 47 -0.79 -21.48 21.49
N LYS B 48 2.78 -24.43 17.97
CA LYS B 48 3.57 -24.39 16.74
C LYS B 48 2.68 -24.55 15.52
N SER B 49 1.72 -25.48 15.59
CA SER B 49 0.84 -25.72 14.43
C SER B 49 -0.02 -24.50 14.15
N GLU B 50 -0.48 -23.81 15.20
CA GLU B 50 -1.32 -22.64 14.98
C GLU B 50 -0.54 -21.51 14.32
N ILE B 51 0.71 -21.30 14.75
CA ILE B 51 1.54 -20.29 14.11
C ILE B 51 1.78 -20.63 12.65
N ALA B 52 2.08 -21.91 12.36
CA ALA B 52 2.31 -22.31 10.98
C ALA B 52 1.06 -22.14 10.13
N ALA B 53 -0.11 -22.48 10.69
CA ALA B 53 -1.35 -22.33 9.93
C ALA B 53 -1.67 -20.87 9.68
N THR B 54 -1.37 -20.01 10.67
CA THR B 54 -1.56 -18.58 10.47
C THR B 54 -0.72 -18.06 9.32
N VAL B 55 0.54 -18.49 9.23
CA VAL B 55 1.42 -18.06 8.15
C VAL B 55 0.92 -18.59 6.81
N LYS B 56 0.52 -19.86 6.75
CA LYS B 56 0.00 -20.40 5.49
C LYS B 56 -1.26 -19.66 5.05
N LYS B 57 -2.06 -19.17 6.01
CA LYS B 57 -3.24 -18.41 5.65
C LYS B 57 -2.86 -17.04 5.09
N TYR B 58 -1.84 -16.39 5.69
CA TYR B 58 -1.29 -15.16 5.11
C TYR B 58 -0.86 -15.38 3.66
N LEU B 59 -0.14 -16.47 3.42
CA LEU B 59 0.44 -16.79 2.13
C LEU B 59 -0.61 -17.16 1.10
N GLU B 60 -1.84 -17.43 1.51
CA GLU B 60 -2.83 -18.06 0.66
C GLU B 60 -2.23 -19.31 0.03
N TYR B 61 -1.62 -20.12 0.90
CA TYR B 61 -0.93 -21.37 0.54
C TYR B 61 -1.82 -22.51 1.03
N ASP B 62 -2.57 -23.12 0.11
CA ASP B 62 -3.59 -24.10 0.48
C ASP B 62 -2.96 -25.48 0.64
N HIS B 63 -2.09 -25.59 1.65
CA HIS B 63 -1.51 -26.87 2.03
C HIS B 63 -1.31 -26.94 3.54
N GLY C 1 -5.56 -19.36 30.38
CA GLY C 1 -4.21 -19.09 29.95
C GLY C 1 -4.10 -18.01 28.90
N PRO C 2 -3.67 -16.81 29.33
CA PRO C 2 -3.52 -15.71 28.37
C PRO C 2 -2.39 -15.90 27.37
N VAL C 3 -1.45 -16.81 27.65
CA VAL C 3 -0.33 -17.03 26.73
C VAL C 3 -0.82 -17.56 25.39
N VAL C 4 -1.71 -18.56 25.42
CA VAL C 4 -2.29 -19.06 24.19
C VAL C 4 -3.07 -17.96 23.49
N SER C 5 -3.75 -17.12 24.27
CA SER C 5 -4.58 -16.07 23.68
C SER C 5 -3.76 -15.07 22.88
N ILE C 6 -2.51 -14.83 23.30
CA ILE C 6 -1.66 -13.88 22.60
C ILE C 6 -1.46 -14.28 21.15
N ILE C 7 -1.36 -15.58 20.88
CA ILE C 7 -1.20 -16.05 19.51
C ILE C 7 -2.54 -16.22 18.80
N ARG C 8 -3.58 -16.63 19.53
CA ARG C 8 -4.82 -17.00 18.87
C ARG C 8 -5.77 -15.82 18.64
N ASP C 9 -5.82 -14.87 19.56
CA ASP C 9 -6.83 -13.83 19.51
C ASP C 9 -6.68 -12.99 18.24
N ASP C 10 -7.81 -12.52 17.72
CA ASP C 10 -7.76 -11.67 16.54
C ASP C 10 -7.20 -10.29 16.91
N LEU C 11 -7.02 -9.47 15.89
CA LEU C 11 -6.37 -8.16 16.05
C LEU C 11 -7.00 -7.36 17.17
N THR C 12 -6.15 -6.76 18.01
CA THR C 12 -6.61 -5.90 19.10
C THR C 12 -7.00 -4.54 18.53
N PRO C 13 -7.73 -3.74 19.30
CA PRO C 13 -8.02 -2.37 18.83
C PRO C 13 -6.77 -1.56 18.52
N GLN C 14 -5.70 -1.73 19.29
CA GLN C 14 -4.46 -1.01 19.00
C GLN C 14 -3.87 -1.47 17.68
N GLU C 15 -3.81 -2.79 17.45
CA GLU C 15 -3.30 -3.29 16.19
C GLU C 15 -4.17 -2.85 15.01
N ARG C 16 -5.50 -2.92 15.17
CA ARG C 16 -6.38 -2.48 14.08
C ARG C 16 -6.18 -1.01 13.77
N GLU C 17 -6.00 -0.18 14.80
CA GLU C 17 -5.73 1.24 14.60
C GLU C 17 -4.44 1.45 13.81
N ARG C 18 -3.40 0.69 14.15
CA ARG C 18 -2.12 0.82 13.45
C ARG C 18 -2.26 0.53 11.96
N LEU C 19 -3.01 -0.51 11.59
CA LEU C 19 -3.21 -0.81 10.17
C LEU C 19 -3.99 0.29 9.44
N MSE C 20 -5.11 0.73 10.00
CA MSE C 20 -5.77 1.94 9.47
C MSE C 20 -4.98 3.23 9.42
O MSE C 20 -5.12 3.98 8.45
CB MSE C 20 -7.10 2.21 10.20
CG MSE C 20 -8.27 2.53 9.27
SE MSE C 20 -8.64 1.43 7.71
CE MSE C 20 -10.20 0.47 8.42
N MSE C 21 -4.17 3.51 10.42
CA MSE C 21 -3.34 4.70 10.37
C MSE C 21 -2.41 4.64 9.16
O MSE C 21 -2.14 5.66 8.54
CB MSE C 21 -2.53 4.87 11.66
CG MSE C 21 -3.37 5.36 12.83
SE MSE C 21 -3.99 7.19 12.55
CE MSE C 21 -2.28 8.11 12.75
N ARG C 22 -1.93 3.44 8.83
CA ARG C 22 -1.06 3.30 7.66
C ARG C 22 -1.82 3.57 6.37
N VAL C 23 -3.08 3.13 6.29
CA VAL C 23 -3.90 3.45 5.12
C VAL C 23 -4.13 4.95 5.03
N ARG C 24 -4.48 5.58 6.16
CA ARG C 24 -4.70 7.01 6.18
C ARG C 24 -3.46 7.78 5.76
N ALA C 25 -2.29 7.40 6.28
CA ALA C 25 -1.06 8.09 5.93
C ALA C 25 -0.76 7.97 4.44
N ALA C 26 -1.03 6.80 3.85
CA ALA C 26 -0.82 6.63 2.42
C ALA C 26 -1.83 7.44 1.62
N LEU C 27 -3.06 7.55 2.11
CA LEU C 27 -4.08 8.36 1.44
C LEU C 27 -3.70 9.83 1.45
N VAL C 28 -3.16 10.32 2.57
CA VAL C 28 -2.72 11.72 2.63
C VAL C 28 -1.56 11.95 1.65
N ASP C 29 -0.59 11.03 1.64
CA ASP C 29 0.53 11.17 0.71
C ASP C 29 0.06 11.17 -0.74
N LEU C 30 -0.91 10.34 -1.07
CA LEU C 30 -1.43 10.35 -2.44
C LEU C 30 -2.12 11.67 -2.74
N GLY C 31 -2.88 12.20 -1.79
CA GLY C 31 -3.49 13.51 -1.98
C GLY C 31 -2.46 14.60 -2.20
N VAL C 32 -1.34 14.52 -1.47
CA VAL C 32 -0.27 15.51 -1.65
C VAL C 32 0.32 15.41 -3.06
N ALA C 33 0.65 14.20 -3.49
CA ALA C 33 1.26 14.03 -4.81
C ALA C 33 0.27 14.37 -5.92
N VAL C 34 -0.97 13.90 -5.81
CA VAL C 34 -1.98 14.20 -6.82
C VAL C 34 -2.32 15.68 -6.81
N GLY C 35 -2.34 16.30 -5.63
CA GLY C 35 -2.62 17.73 -5.55
C GLY C 35 -1.60 18.56 -6.30
N ALA C 36 -0.32 18.17 -6.21
CA ALA C 36 0.71 18.88 -6.97
C ALA C 36 0.55 18.63 -8.46
N SER C 37 0.27 17.39 -8.85
CA SER C 37 0.12 17.06 -10.26
C SER C 37 -1.05 17.81 -10.88
N VAL C 38 -2.19 17.86 -10.18
CA VAL C 38 -3.36 18.57 -10.67
C VAL C 38 -3.08 20.06 -10.76
N ALA C 39 -2.26 20.60 -9.85
CA ALA C 39 -1.94 22.02 -9.88
C ALA C 39 -1.15 22.39 -11.13
N PHE C 40 -0.20 21.53 -11.53
CA PHE C 40 0.55 21.75 -12.76
C PHE C 40 -0.16 21.17 -13.98
N ARG C 41 -1.44 20.79 -13.84
CA ARG C 41 -2.26 20.30 -14.95
C ARG C 41 -1.60 19.12 -15.66
N GLN C 42 -1.16 18.14 -14.87
CA GLN C 42 -0.43 17.01 -15.41
C GLN C 42 -1.30 15.77 -15.64
N LEU C 43 -2.54 15.76 -15.15
CA LEU C 43 -3.39 14.59 -15.25
C LEU C 43 -4.50 14.84 -16.25
N THR C 44 -4.50 14.08 -17.34
CA THR C 44 -5.64 14.03 -18.23
C THR C 44 -6.73 13.14 -17.63
N GLU C 45 -7.92 13.19 -18.25
CA GLU C 45 -9.01 12.37 -17.76
C GLU C 45 -8.74 10.86 -17.86
N PRO C 46 -8.18 10.33 -18.95
CA PRO C 46 -7.82 8.91 -18.94
C PRO C 46 -6.81 8.56 -17.86
N MSE C 47 -5.81 9.41 -17.62
N MSE C 47 -5.82 9.41 -17.63
CA MSE C 47 -4.83 9.15 -16.57
CA MSE C 47 -4.84 9.19 -16.57
C MSE C 47 -5.49 9.13 -15.19
C MSE C 47 -5.50 9.12 -15.20
O MSE C 47 -5.15 8.29 -14.35
O MSE C 47 -5.17 8.26 -14.39
CB MSE C 47 -3.72 10.20 -16.59
CB MSE C 47 -3.78 10.30 -16.59
CG MSE C 47 -2.91 10.21 -17.88
CG MSE C 47 -2.71 10.11 -15.54
SE MSE C 47 -1.62 11.68 -17.91
SE MSE C 47 -1.92 8.34 -15.63
CE MSE C 47 -1.22 11.70 -19.82
CE MSE C 47 -1.54 8.27 -17.54
N LYS C 48 -6.43 10.04 -14.97
CA LYS C 48 -7.18 10.03 -13.71
C LYS C 48 -7.96 8.73 -13.55
N SER C 49 -8.59 8.26 -14.64
CA SER C 49 -9.36 7.03 -14.55
C SER C 49 -8.47 5.84 -14.24
N GLU C 50 -7.26 5.81 -14.79
CA GLU C 50 -6.36 4.69 -14.54
C GLU C 50 -5.89 4.65 -13.10
N ILE C 51 -5.59 5.82 -12.52
CA ILE C 51 -5.23 5.87 -11.10
C ILE C 51 -6.39 5.40 -10.24
N ALA C 52 -7.60 5.86 -10.55
CA ALA C 52 -8.78 5.45 -9.79
C ALA C 52 -9.02 3.96 -9.92
N ALA C 53 -8.84 3.40 -11.12
CA ALA C 53 -9.05 1.98 -11.32
C ALA C 53 -7.99 1.16 -10.57
N THR C 54 -6.75 1.66 -10.55
CA THR C 54 -5.69 0.99 -9.79
C THR C 54 -6.06 0.90 -8.31
N VAL C 55 -6.54 2.01 -7.73
CA VAL C 55 -6.92 2.00 -6.32
C VAL C 55 -8.09 1.06 -6.07
N LYS C 56 -9.11 1.08 -6.94
CA LYS C 56 -10.24 0.17 -6.77
C LYS C 56 -9.79 -1.29 -6.86
N LYS C 57 -8.77 -1.57 -7.67
CA LYS C 57 -8.26 -2.94 -7.72
C LYS C 57 -7.52 -3.31 -6.45
N TYR C 58 -6.75 -2.38 -5.88
CA TYR C 58 -6.15 -2.59 -4.57
C TYR C 58 -7.21 -2.97 -3.54
N LEU C 59 -8.30 -2.20 -3.53
CA LEU C 59 -9.36 -2.33 -2.55
C LEU C 59 -10.19 -3.58 -2.72
N GLU C 60 -10.03 -4.29 -3.84
CA GLU C 60 -10.98 -5.31 -4.26
C GLU C 60 -12.41 -4.76 -4.15
N TYR C 61 -12.59 -3.59 -4.74
CA TYR C 61 -13.87 -2.88 -4.76
C TYR C 61 -14.40 -3.00 -6.18
N ASP C 62 -15.41 -3.86 -6.35
CA ASP C 62 -15.88 -4.23 -7.69
C ASP C 62 -16.94 -3.24 -8.19
N HIS C 63 -16.52 -1.99 -8.34
CA HIS C 63 -17.37 -0.95 -8.92
C HIS C 63 -16.57 0.03 -9.75
S SO4 D . 6.76 27.36 -14.29
O1 SO4 D . 7.61 26.24 -14.69
O2 SO4 D . 5.89 27.74 -15.39
O3 SO4 D . 5.95 26.96 -13.14
O4 SO4 D . 7.59 28.50 -13.92
S SO4 E . 0.86 0.12 -10.61
O1 SO4 E . 0.88 -0.59 -11.88
O2 SO4 E . 2.06 -0.22 -9.84
O3 SO4 E . 0.85 1.57 -10.85
O4 SO4 E . -0.33 -0.26 -9.86
S SO4 F . 8.98 3.53 -14.76
O1 SO4 F . 10.38 3.75 -15.10
O2 SO4 F . 8.13 4.31 -15.66
O3 SO4 F . 8.65 2.11 -14.91
O4 SO4 F . 8.73 3.94 -13.38
S SO4 G . -3.21 -13.34 14.70
O1 SO4 G . -2.18 -14.19 15.31
O2 SO4 G . -2.83 -13.02 13.33
O3 SO4 G . -4.48 -14.05 14.70
O4 SO4 G . -3.32 -12.11 15.47
#